data_2H7G
#
_entry.id   2H7G
#
_cell.length_a   66.181
_cell.length_b   133.648
_cell.length_c   112.947
_cell.angle_alpha   90.000
_cell.angle_beta   90.000
_cell.angle_gamma   90.000
#
_symmetry.space_group_name_H-M   'C 2 2 21'
#
loop_
_entity.id
_entity.type
_entity.pdbx_description
1 polymer "5'-D(*TP*TP*GP*TP*CP*GP*CP*CP*CP*TP*TP*A)-3'"
2 polymer "5'-D(*TP*AP*AP*TP*AP*AP*GP*GP*GP*CP*GP*AP*CP*A)-3'"
3 polymer 'DNA topoisomerase 1'
4 water water
#
loop_
_entity_poly.entity_id
_entity_poly.type
_entity_poly.pdbx_seq_one_letter_code
_entity_poly.pdbx_strand_id
1 'polydeoxyribonucleotide' (DT)(DT)(DG)(DT)(DC)(DG)(DC)(DC)(DC)(DT)(DT)(DA) Y
2 'polydeoxyribonucleotide' (DT)(DA)(DA)(DT)(DA)(DA)(DG)(DG)(DG)(DC)(DG)(DA)(DC)(DA) Z
3 'polypeptide(L)'
;MRALFYKDGKLFTDNNFLNPVSDNNPAYEVLQHVKIPTHLTDVVVYGQTWEEALTRLIFVGSDSKGRRQYFYGKMHVQNR
NAKRDRIFVRVYNVMKRINSFINKNIKKSSTDSNYQLAVFMLMETMFFIRFGKMKYLKENETVGLLTLKNKHIEISPDKI
VIKFVGKDKVSHEFVVHKSNRLYKPLLKLTDDSSPEEFLFNKLSERKVYESIKQFGIRIKDLRTYGVNYTFLYNFWTNVK
SISPLPSPKKLIALTIKQTAEVVGHTPSISKRAYMATTILEMVKDKNFLDVVSKTTFDEFLSIVVDHVKSSTDG
;
X
#
# COMPACT_ATOMS: atom_id res chain seq x y z
N MET C 1 -11.55 -26.66 4.54
CA MET C 1 -12.02 -25.40 3.95
C MET C 1 -12.93 -25.68 2.76
N ARG C 2 -14.12 -26.21 3.06
CA ARG C 2 -15.21 -26.25 2.10
C ARG C 2 -16.06 -25.01 2.27
N ALA C 3 -16.47 -24.40 1.15
CA ALA C 3 -17.39 -23.27 1.15
C ALA C 3 -18.83 -23.77 1.29
N LEU C 4 -19.48 -23.39 2.37
CA LEU C 4 -20.89 -23.71 2.57
C LEU C 4 -21.69 -22.50 2.18
N PHE C 5 -22.92 -22.73 1.73
CA PHE C 5 -23.79 -21.67 1.25
C PHE C 5 -24.79 -21.24 2.29
N TYR C 6 -24.90 -19.92 2.45
CA TYR C 6 -25.65 -19.31 3.56
C TYR C 6 -26.95 -18.71 3.06
N LYS C 7 -28.03 -18.98 3.81
CA LYS C 7 -29.35 -18.50 3.49
C LYS C 7 -30.10 -18.37 4.81
N ASP C 8 -30.38 -17.12 5.20
CA ASP C 8 -31.14 -16.75 6.39
C ASP C 8 -30.65 -17.41 7.68
N GLY C 9 -29.34 -17.50 7.86
CA GLY C 9 -28.79 -17.98 9.13
C GLY C 9 -28.48 -19.47 9.12
N LYS C 10 -28.83 -20.12 8.02
CA LYS C 10 -28.64 -21.56 7.86
C LYS C 10 -27.61 -21.86 6.76
N LEU C 11 -26.98 -23.03 6.87
N LEU C 11 -26.96 -23.02 6.88
CA LEU C 11 -25.89 -23.46 6.00
CA LEU C 11 -25.91 -23.43 5.94
C LEU C 11 -26.26 -24.71 5.18
C LEU C 11 -26.28 -24.69 5.17
N PHE C 12 -25.81 -24.73 3.93
CA PHE C 12 -26.11 -25.79 2.98
C PHE C 12 -24.82 -26.12 2.22
N THR C 13 -24.69 -27.34 1.74
CA THR C 13 -23.45 -27.68 1.02
C THR C 13 -23.49 -27.21 -0.43
N ASP C 14 -24.69 -26.85 -0.92
CA ASP C 14 -24.93 -26.49 -2.35
C ASP C 14 -25.55 -25.11 -2.49
N ASN C 15 -25.29 -24.46 -3.65
CA ASN C 15 -25.76 -23.09 -3.91
C ASN C 15 -27.28 -22.92 -4.07
N ASN C 16 -27.99 -24.03 -4.24
CA ASN C 16 -29.46 -24.04 -4.37
C ASN C 16 -30.22 -24.43 -3.09
N PHE C 17 -29.45 -24.63 -2.04
CA PHE C 17 -29.93 -24.84 -0.68
C PHE C 17 -30.74 -26.13 -0.56
N LEU C 18 -30.40 -27.13 -1.38
CA LEU C 18 -31.10 -28.43 -1.32
C LEU C 18 -30.56 -29.41 -0.28
N ASN C 19 -29.31 -29.17 0.13
CA ASN C 19 -28.56 -30.07 1.02
C ASN C 19 -28.20 -29.38 2.33
N PRO C 20 -29.13 -29.35 3.31
CA PRO C 20 -28.76 -28.67 4.56
C PRO C 20 -27.71 -29.45 5.35
N VAL C 21 -26.80 -28.73 5.99
CA VAL C 21 -25.84 -29.35 6.90
C VAL C 21 -26.54 -29.62 8.24
N SER C 22 -25.90 -30.46 9.07
CA SER C 22 -26.34 -30.67 10.44
C SER C 22 -26.30 -29.39 11.25
N ASP C 23 -27.28 -29.22 12.15
CA ASP C 23 -27.25 -28.11 13.08
C ASP C 23 -25.97 -28.11 13.95
N ASN C 24 -25.28 -29.26 13.98
CA ASN C 24 -24.05 -29.46 14.73
C ASN C 24 -22.79 -29.18 13.90
N ASN C 25 -22.98 -28.79 12.65
CA ASN C 25 -21.86 -28.43 11.80
C ASN C 25 -20.96 -27.40 12.48
N PRO C 26 -19.63 -27.67 12.56
CA PRO C 26 -18.67 -26.73 13.19
C PRO C 26 -18.81 -25.27 12.76
N ALA C 27 -19.24 -25.03 11.52
CA ALA C 27 -19.42 -23.68 11.00
C ALA C 27 -20.48 -22.85 11.72
N TYR C 28 -21.45 -23.50 12.37
CA TYR C 28 -22.36 -22.71 13.18
C TYR C 28 -21.66 -21.93 14.32
N GLU C 29 -20.55 -22.45 14.82
CA GLU C 29 -19.80 -21.73 15.84
C GLU C 29 -19.31 -20.39 15.27
N VAL C 30 -18.85 -20.41 14.02
CA VAL C 30 -18.36 -19.20 13.35
C VAL C 30 -19.48 -18.15 13.31
N LEU C 31 -20.71 -18.59 13.01
CA LEU C 31 -21.84 -17.65 12.89
C LEU C 31 -22.25 -17.02 14.21
N GLN C 32 -21.76 -17.60 15.31
CA GLN C 32 -22.01 -17.08 16.65
C GLN C 32 -21.12 -15.89 16.92
N HIS C 33 -20.01 -15.84 16.21
CA HIS C 33 -18.97 -14.87 16.47
C HIS C 33 -18.83 -13.81 15.39
N VAL C 34 -19.47 -14.01 14.24
CA VAL C 34 -19.43 -12.98 13.18
C VAL C 34 -20.82 -12.50 12.83
N LYS C 35 -20.90 -11.26 12.34
CA LYS C 35 -22.11 -10.75 11.77
C LYS C 35 -21.91 -10.71 10.28
N ILE C 36 -22.80 -11.32 9.51
CA ILE C 36 -22.74 -11.19 8.05
C ILE C 36 -23.43 -9.88 7.68
N PRO C 37 -22.69 -8.96 7.04
CA PRO C 37 -23.23 -7.67 6.60
C PRO C 37 -24.38 -7.88 5.63
N THR C 38 -25.46 -7.13 5.79
CA THR C 38 -26.69 -7.46 5.08
C THR C 38 -26.72 -6.97 3.63
N HIS C 39 -25.75 -6.14 3.25
CA HIS C 39 -25.66 -5.71 1.87
C HIS C 39 -25.13 -6.80 0.93
N LEU C 40 -24.55 -7.86 1.49
CA LEU C 40 -23.95 -8.90 0.67
C LEU C 40 -25.01 -9.88 0.21
N THR C 41 -24.88 -10.40 -1.01
N THR C 41 -24.79 -10.46 -0.97
CA THR C 41 -25.68 -11.51 -1.50
CA THR C 41 -25.66 -11.43 -1.61
C THR C 41 -24.79 -12.72 -1.74
C THR C 41 -24.80 -12.63 -2.02
N ASP C 42 -25.41 -13.82 -2.13
CA ASP C 42 -24.69 -15.05 -2.52
C ASP C 42 -23.55 -15.37 -1.56
N VAL C 43 -23.84 -15.34 -0.28
CA VAL C 43 -22.82 -15.46 0.75
C VAL C 43 -22.37 -16.90 0.88
N VAL C 44 -21.07 -17.10 1.02
CA VAL C 44 -20.55 -18.40 1.41
C VAL C 44 -19.80 -18.27 2.72
N VAL C 45 -19.86 -19.33 3.52
CA VAL C 45 -19.20 -19.34 4.80
C VAL C 45 -18.38 -20.63 4.83
N TYR C 46 -17.08 -20.53 5.11
CA TYR C 46 -16.21 -21.71 5.10
C TYR C 46 -16.47 -22.66 6.27
N GLY C 47 -16.47 -23.95 5.99
CA GLY C 47 -16.75 -24.95 7.01
C GLY C 47 -15.52 -25.19 7.87
N GLN C 48 -15.54 -24.58 9.06
CA GLN C 48 -14.42 -24.65 9.99
C GLN C 48 -14.89 -24.17 11.33
N THR C 49 -14.05 -24.34 12.34
CA THR C 49 -14.32 -23.90 13.71
C THR C 49 -14.01 -22.42 13.84
N TRP C 50 -14.50 -21.81 14.90
CA TRP C 50 -14.17 -20.40 15.16
C TRP C 50 -12.65 -20.17 15.33
N GLU C 51 -11.99 -21.05 16.08
CA GLU C 51 -10.55 -20.93 16.31
C GLU C 51 -9.74 -20.94 15.01
N GLU C 52 -10.17 -21.76 14.06
CA GLU C 52 -9.64 -21.78 12.72
C GLU C 52 -10.01 -20.51 11.93
N ALA C 53 -11.27 -20.10 11.97
CA ALA C 53 -11.71 -18.88 11.25
C ALA C 53 -10.88 -17.64 11.62
N LEU C 54 -10.52 -17.56 12.89
CA LEU C 54 -9.80 -16.44 13.42
C LEU C 54 -8.52 -16.16 12.61
N THR C 55 -7.91 -17.23 12.09
CA THR C 55 -6.60 -17.17 11.42
C THR C 55 -6.63 -16.99 9.90
N ARG C 56 -7.80 -16.90 9.28
CA ARG C 56 -7.86 -16.89 7.82
C ARG C 56 -9.21 -16.40 7.27
N LEU C 57 -9.55 -16.81 6.04
CA LEU C 57 -10.79 -16.42 5.38
C LEU C 57 -12.03 -17.00 6.10
N ILE C 58 -13.00 -16.16 6.36
CA ILE C 58 -14.19 -16.57 7.11
C ILE C 58 -15.41 -16.69 6.19
N PHE C 59 -15.75 -15.61 5.49
CA PHE C 59 -16.90 -15.67 4.62
C PHE C 59 -16.71 -14.78 3.41
N VAL C 60 -17.50 -15.02 2.37
CA VAL C 60 -17.48 -14.14 1.20
C VAL C 60 -18.83 -13.88 0.59
N GLY C 61 -19.01 -12.70 0.01
CA GLY C 61 -20.32 -12.36 -0.56
C GLY C 61 -20.21 -11.36 -1.69
N SER C 62 -21.33 -11.05 -2.35
CA SER C 62 -21.32 -10.06 -3.43
C SER C 62 -21.90 -8.70 -3.00
N ASP C 63 -21.17 -7.62 -3.31
CA ASP C 63 -21.70 -6.30 -3.04
C ASP C 63 -22.64 -5.87 -4.18
N SER C 64 -23.13 -4.63 -4.12
CA SER C 64 -24.12 -4.18 -5.10
C SER C 64 -23.57 -4.15 -6.54
N LYS C 65 -22.26 -4.10 -6.66
CA LYS C 65 -21.63 -4.03 -7.96
C LYS C 65 -21.30 -5.42 -8.47
N GLY C 66 -21.50 -6.42 -7.63
CA GLY C 66 -21.27 -7.80 -8.06
C GLY C 66 -19.86 -8.26 -7.75
N ARG C 67 -19.09 -7.45 -7.01
CA ARG C 67 -17.73 -7.84 -6.68
C ARG C 67 -17.80 -8.76 -5.51
N ARG C 68 -17.05 -9.85 -5.60
CA ARG C 68 -16.85 -10.77 -4.50
C ARG C 68 -15.92 -10.10 -3.47
N GLN C 69 -16.46 -9.92 -2.26
CA GLN C 69 -15.79 -9.28 -1.10
C GLN C 69 -15.48 -10.34 -0.03
N TYR C 70 -14.25 -10.32 0.45
CA TYR C 70 -13.66 -11.40 1.24
C TYR C 70 -13.37 -10.90 2.64
N PHE C 71 -13.83 -11.66 3.64
CA PHE C 71 -13.76 -11.24 5.03
C PHE C 71 -12.95 -12.21 5.91
N TYR C 72 -11.91 -11.67 6.52
CA TYR C 72 -10.88 -12.41 7.24
C TYR C 72 -10.97 -12.30 8.77
N GLY C 73 -10.44 -13.32 9.45
CA GLY C 73 -10.37 -13.38 10.92
C GLY C 73 -9.38 -12.36 11.45
N LYS C 74 -9.61 -11.93 12.69
CA LYS C 74 -8.78 -10.91 13.32
C LYS C 74 -7.32 -11.31 13.46
N MET C 75 -7.03 -12.60 13.66
CA MET C 75 -5.64 -13.03 13.70
C MET C 75 -5.01 -12.96 12.29
N HIS C 76 -5.79 -13.25 11.25
CA HIS C 76 -5.30 -13.05 9.88
C HIS C 76 -4.92 -11.57 9.67
N VAL C 77 -5.80 -10.69 10.10
CA VAL C 77 -5.59 -9.26 9.90
C VAL C 77 -4.36 -8.82 10.68
N GLN C 78 -4.26 -9.28 11.94
CA GLN C 78 -3.08 -9.05 12.78
C GLN C 78 -1.79 -9.50 12.11
N ASN C 79 -1.77 -10.75 11.66
N ASN C 79 -1.76 -10.74 11.63
CA ASN C 79 -0.66 -11.31 10.87
CA ASN C 79 -0.60 -11.26 10.91
C ASN C 79 -0.30 -10.43 9.67
C ASN C 79 -0.28 -10.49 9.62
N ARG C 80 -1.31 -10.06 8.90
CA ARG C 80 -1.11 -9.21 7.70
C ARG C 80 -0.38 -7.90 8.04
N ASN C 81 -0.78 -7.30 9.15
CA ASN C 81 -0.16 -6.07 9.64
C ASN C 81 1.27 -6.29 10.15
N ALA C 82 1.53 -7.44 10.77
CA ALA C 82 2.92 -7.81 11.07
C ALA C 82 3.79 -7.92 9.81
N LYS C 83 3.30 -8.64 8.79
CA LYS C 83 4.03 -8.80 7.51
C LYS C 83 4.38 -7.45 6.88
N ARG C 84 3.52 -6.46 7.07
CA ARG C 84 3.74 -5.12 6.52
C ARG C 84 5.02 -4.51 7.14
N ASP C 85 5.16 -4.65 8.46
CA ASP C 85 6.36 -4.16 9.14
C ASP C 85 7.61 -4.87 8.63
N ARG C 86 7.49 -6.17 8.35
CA ARG C 86 8.61 -6.95 7.85
C ARG C 86 8.94 -6.54 6.40
N ILE C 87 7.90 -6.29 5.61
CA ILE C 87 8.05 -5.79 4.24
C ILE C 87 8.84 -4.46 4.30
N PHE C 88 8.56 -3.63 5.29
CA PHE C 88 9.29 -2.35 5.46
C PHE C 88 10.77 -2.61 5.54
N VAL C 89 11.14 -3.58 6.36
CA VAL C 89 12.54 -3.93 6.58
C VAL C 89 13.12 -4.53 5.28
N ARG C 90 12.34 -5.37 4.58
CA ARG C 90 12.80 -6.03 3.35
C ARG C 90 13.18 -5.01 2.26
N VAL C 91 12.32 -4.00 2.07
CA VAL C 91 12.53 -2.94 1.09
C VAL C 91 13.70 -2.07 1.54
N TYR C 92 13.74 -1.75 2.83
CA TYR C 92 14.87 -1.01 3.42
C TYR C 92 16.22 -1.64 3.06
N ASN C 93 16.29 -2.95 3.24
CA ASN C 93 17.45 -3.77 2.95
C ASN C 93 17.81 -3.91 1.45
N VAL C 94 16.86 -3.70 0.55
CA VAL C 94 17.14 -3.86 -0.90
C VAL C 94 17.22 -2.51 -1.67
N MET C 95 17.02 -1.39 -0.99
CA MET C 95 16.96 -0.07 -1.70
C MET C 95 18.27 0.26 -2.40
N LYS C 96 19.39 -0.12 -1.81
CA LYS C 96 20.71 0.14 -2.47
C LYS C 96 20.75 -0.52 -3.85
N ARG C 97 20.34 -1.79 -3.93
CA ARG C 97 20.32 -2.51 -5.20
C ARG C 97 19.35 -1.89 -6.20
N ILE C 98 18.24 -1.34 -5.72
CA ILE C 98 17.26 -0.71 -6.61
C ILE C 98 17.86 0.60 -7.20
N ASN C 99 18.43 1.41 -6.31
CA ASN C 99 19.08 2.63 -6.74
C ASN C 99 20.27 2.39 -7.67
N SER C 100 20.96 1.26 -7.50
CA SER C 100 22.02 0.88 -8.45
C SER C 100 21.40 0.59 -9.82
N PHE C 101 20.28 -0.11 -9.85
CA PHE C 101 19.59 -0.40 -11.08
C PHE C 101 19.04 0.86 -11.75
N ILE C 102 18.45 1.74 -10.95
CA ILE C 102 17.97 3.03 -11.44
C ILE C 102 19.12 3.88 -12.00
N ASN C 103 20.16 4.08 -11.20
CA ASN C 103 21.20 5.05 -11.55
C ASN C 103 22.01 4.62 -12.79
N LYS C 104 22.17 3.32 -12.98
CA LYS C 104 22.76 2.77 -14.19
C LYS C 104 21.87 3.03 -15.40
N ASN C 105 20.59 2.73 -15.24
CA ASN C 105 19.69 2.64 -16.37
C ASN C 105 19.15 3.96 -16.87
N ILE C 106 19.13 4.98 -16.02
CA ILE C 106 18.58 6.26 -16.46
C ILE C 106 19.48 7.01 -17.42
N LYS C 107 20.68 6.48 -17.65
CA LYS C 107 21.55 6.95 -18.74
C LYS C 107 21.20 6.38 -20.14
N LYS C 108 20.18 5.52 -20.20
CA LYS C 108 19.85 4.75 -21.42
C LYS C 108 18.85 5.40 -22.39
N SER C 109 18.52 4.67 -23.46
CA SER C 109 17.63 5.16 -24.52
C SER C 109 16.20 5.25 -24.01
N SER C 110 15.50 6.34 -24.37
CA SER C 110 14.14 6.64 -23.92
C SER C 110 13.09 5.56 -24.21
N THR C 111 13.26 4.81 -25.29
CA THR C 111 12.26 3.79 -25.63
C THR C 111 12.74 2.38 -25.25
N ASP C 112 13.79 2.32 -24.44
CA ASP C 112 14.31 1.07 -23.88
C ASP C 112 13.40 0.65 -22.71
N SER C 113 13.07 -0.64 -22.63
N SER C 113 13.04 -0.63 -22.62
CA SER C 113 12.20 -1.14 -21.55
CA SER C 113 12.18 -1.08 -21.53
C SER C 113 12.84 -0.93 -20.18
C SER C 113 12.83 -0.95 -20.15
N ASN C 114 14.14 -1.21 -20.08
CA ASN C 114 14.89 -1.06 -18.83
C ASN C 114 15.03 0.39 -18.41
N TYR C 115 15.05 1.28 -19.38
CA TYR C 115 15.03 2.70 -19.11
C TYR C 115 13.70 3.02 -18.50
N GLN C 116 12.62 2.52 -19.12
CA GLN C 116 11.28 2.85 -18.62
C GLN C 116 11.03 2.22 -17.27
N LEU C 117 11.58 1.01 -17.08
CA LEU C 117 11.57 0.33 -15.79
C LEU C 117 12.32 1.14 -14.71
N ALA C 118 13.49 1.67 -15.07
CA ALA C 118 14.28 2.51 -14.15
C ALA C 118 13.50 3.77 -13.77
N VAL C 119 12.88 4.41 -14.75
CA VAL C 119 12.09 5.62 -14.44
C VAL C 119 10.86 5.23 -13.57
N PHE C 120 10.24 4.10 -13.88
CA PHE C 120 9.08 3.60 -13.11
C PHE C 120 9.49 3.43 -11.65
N MET C 121 10.60 2.71 -11.42
CA MET C 121 11.08 2.50 -10.04
C MET C 121 11.45 3.79 -9.36
N LEU C 122 12.09 4.68 -10.10
CA LEU C 122 12.50 5.94 -9.53
C LEU C 122 11.28 6.79 -9.12
N MET C 123 10.26 6.88 -9.96
CA MET C 123 9.01 7.51 -9.57
C MET C 123 8.39 6.92 -8.31
N GLU C 124 8.45 5.61 -8.18
CA GLU C 124 8.03 4.90 -6.96
C GLU C 124 8.82 5.32 -5.73
N THR C 125 10.15 5.42 -5.84
CA THR C 125 10.97 5.80 -4.67
C THR C 125 10.67 7.23 -4.24
N MET C 126 10.22 8.02 -5.21
CA MET C 126 9.97 9.42 -4.93
C MET C 126 8.57 9.68 -4.42
N PHE C 127 7.57 9.05 -5.04
CA PHE C 127 6.18 9.46 -4.83
C PHE C 127 5.27 8.35 -4.35
N PHE C 128 5.80 7.13 -4.37
CA PHE C 128 5.11 5.95 -3.78
C PHE C 128 3.73 5.70 -4.42
N ILE C 129 3.63 5.95 -5.73
CA ILE C 129 2.32 5.94 -6.38
C ILE C 129 1.91 4.46 -6.51
N ARG C 130 0.62 4.17 -6.43
CA ARG C 130 0.17 2.80 -6.62
C ARG C 130 0.49 2.26 -8.03
N PHE C 131 0.67 0.95 -8.15
CA PHE C 131 0.97 0.26 -9.41
C PHE C 131 0.23 0.79 -10.64
N GLY C 132 -1.09 0.97 -10.50
CA GLY C 132 -1.92 1.45 -11.61
C GLY C 132 -2.40 0.38 -12.56
N LYS C 133 -3.13 -0.64 -12.08
CA LYS C 133 -3.60 -1.66 -13.00
C LYS C 133 -4.53 -1.10 -14.08
N MET C 134 -4.40 -1.61 -15.29
CA MET C 134 -5.28 -1.30 -16.41
C MET C 134 -6.75 -1.50 -16.07
N LYS C 135 -7.05 -2.61 -15.41
CA LYS C 135 -8.40 -2.98 -14.98
C LYS C 135 -9.19 -1.82 -14.39
N TYR C 136 -8.56 -1.06 -13.50
CA TYR C 136 -9.23 0.02 -12.78
C TYR C 136 -9.30 1.30 -13.58
N LEU C 137 -8.38 1.48 -14.51
CA LEU C 137 -8.56 2.55 -15.48
C LEU C 137 -9.81 2.25 -16.35
N LYS C 138 -9.92 1.02 -16.85
CA LYS C 138 -11.09 0.62 -17.63
C LYS C 138 -12.36 0.73 -16.80
N GLU C 139 -12.31 0.27 -15.55
CA GLU C 139 -13.55 0.05 -14.76
C GLU C 139 -13.99 1.35 -14.09
N ASN C 140 -13.03 2.07 -13.53
CA ASN C 140 -13.28 3.21 -12.66
C ASN C 140 -12.63 4.51 -13.10
N GLU C 141 -11.99 4.47 -14.26
CA GLU C 141 -11.17 5.60 -14.74
C GLU C 141 -10.04 6.01 -13.79
N THR C 142 -9.58 5.04 -12.98
CA THR C 142 -8.55 5.28 -12.01
C THR C 142 -7.15 5.29 -12.62
N VAL C 143 -6.33 6.25 -12.23
CA VAL C 143 -4.95 6.31 -12.74
C VAL C 143 -3.95 6.01 -11.62
N GLY C 144 -2.95 5.18 -11.93
CA GLY C 144 -1.81 4.99 -11.07
C GLY C 144 -0.56 5.05 -11.95
N LEU C 145 0.54 4.50 -11.46
CA LEU C 145 1.83 4.73 -12.14
C LEU C 145 1.85 4.16 -13.59
N LEU C 146 1.48 2.90 -13.73
CA LEU C 146 1.48 2.23 -15.03
C LEU C 146 0.50 2.87 -16.03
N THR C 147 -0.53 3.54 -15.51
CA THR C 147 -1.61 4.04 -16.33
C THR C 147 -1.53 5.57 -16.56
N LEU C 148 -0.40 6.14 -16.15
CA LEU C 148 -0.12 7.55 -16.44
C LEU C 148 -0.02 7.79 -17.92
N LYS C 149 -0.60 8.91 -18.34
N LYS C 149 -0.62 8.90 -18.36
CA LYS C 149 -0.55 9.35 -19.74
CA LYS C 149 -0.54 9.33 -19.75
C LYS C 149 0.13 10.72 -19.83
C LYS C 149 0.29 10.62 -19.81
N ASN C 150 0.62 11.06 -21.03
CA ASN C 150 1.40 12.28 -21.19
C ASN C 150 0.63 13.50 -20.74
N LYS C 151 -0.69 13.45 -20.84
CA LYS C 151 -1.53 14.59 -20.41
C LYS C 151 -1.35 14.90 -18.92
N HIS C 152 -0.93 13.89 -18.15
CA HIS C 152 -0.76 14.01 -16.71
C HIS C 152 0.56 14.68 -16.34
N ILE C 153 1.39 14.95 -17.33
CA ILE C 153 2.72 15.47 -17.06
C ILE C 153 2.83 16.84 -17.69
N GLU C 154 3.14 17.84 -16.86
N GLU C 154 3.17 17.84 -16.88
CA GLU C 154 3.35 19.21 -17.34
CA GLU C 154 3.33 19.20 -17.41
C GLU C 154 4.81 19.61 -17.13
C GLU C 154 4.73 19.72 -17.12
N ILE C 155 5.44 20.05 -18.21
CA ILE C 155 6.82 20.49 -18.15
C ILE C 155 6.84 22.01 -18.05
N SER C 156 7.59 22.54 -17.08
CA SER C 156 7.78 23.99 -17.02
C SER C 156 9.25 24.30 -16.76
N PRO C 157 9.65 25.59 -16.83
CA PRO C 157 11.07 25.86 -16.85
C PRO C 157 11.94 24.95 -15.96
N ASP C 158 11.78 24.99 -14.65
CA ASP C 158 12.73 24.28 -13.82
C ASP C 158 12.09 23.15 -13.03
N LYS C 159 10.88 22.77 -13.41
CA LYS C 159 10.17 21.64 -12.75
C LYS C 159 9.25 20.88 -13.69
N ILE C 160 8.85 19.68 -13.23
CA ILE C 160 7.85 18.89 -13.93
C ILE C 160 6.78 18.61 -12.90
N VAL C 161 5.52 18.84 -13.26
CA VAL C 161 4.39 18.55 -12.39
C VAL C 161 3.59 17.36 -12.95
N ILE C 162 3.43 16.35 -12.11
CA ILE C 162 2.58 15.18 -12.37
C ILE C 162 1.26 15.32 -11.61
N LYS C 163 0.15 15.27 -12.34
CA LYS C 163 -1.20 15.49 -11.79
C LYS C 163 -2.15 14.42 -12.33
N PHE C 164 -2.85 13.70 -11.43
CA PHE C 164 -3.79 12.67 -11.86
C PHE C 164 -4.77 12.39 -10.74
N VAL C 165 -5.83 11.66 -11.07
CA VAL C 165 -6.83 11.27 -10.10
C VAL C 165 -6.68 9.76 -9.88
N GLY C 166 -6.30 9.38 -8.66
CA GLY C 166 -5.97 7.99 -8.37
C GLY C 166 -7.10 7.28 -7.62
N LYS C 167 -6.75 6.32 -6.77
CA LYS C 167 -7.76 5.53 -6.09
C LYS C 167 -8.73 6.44 -5.35
N ASP C 168 -10.01 6.04 -5.33
CA ASP C 168 -11.03 6.70 -4.53
C ASP C 168 -11.34 8.14 -5.00
N LYS C 169 -10.93 8.45 -6.23
CA LYS C 169 -11.17 9.75 -6.88
C LYS C 169 -10.40 10.88 -6.19
N VAL C 170 -9.32 10.53 -5.50
CA VAL C 170 -8.45 11.49 -4.86
C VAL C 170 -7.46 12.06 -5.90
N SER C 171 -7.37 13.38 -6.01
CA SER C 171 -6.38 14.03 -6.87
C SER C 171 -5.01 14.04 -6.24
N HIS C 172 -3.98 13.82 -7.06
CA HIS C 172 -2.63 13.80 -6.57
C HIS C 172 -1.84 14.75 -7.43
N GLU C 173 -0.85 15.40 -6.84
CA GLU C 173 0.02 16.35 -7.57
C GLU C 173 1.45 16.19 -7.05
N PHE C 174 2.40 15.87 -7.93
CA PHE C 174 3.79 15.66 -7.52
C PHE C 174 4.70 16.57 -8.32
N VAL C 175 5.78 17.00 -7.70
CA VAL C 175 6.73 17.87 -8.38
C VAL C 175 8.17 17.32 -8.44
N VAL C 176 8.77 17.40 -9.63
CA VAL C 176 10.15 17.03 -9.86
C VAL C 176 10.96 18.28 -10.24
N HIS C 177 11.93 18.64 -9.41
CA HIS C 177 12.79 19.79 -9.68
C HIS C 177 14.01 19.47 -10.53
N LYS C 178 14.57 20.49 -11.19
CA LYS C 178 15.64 20.30 -12.16
C LYS C 178 16.87 19.55 -11.59
N SER C 179 17.18 19.79 -10.33
CA SER C 179 18.34 19.16 -9.70
C SER C 179 18.14 17.68 -9.48
N ASN C 180 16.91 17.18 -9.64
CA ASN C 180 16.68 15.78 -9.28
C ASN C 180 17.05 14.84 -10.41
N ARG C 181 17.68 13.71 -10.08
CA ARG C 181 18.00 12.72 -11.10
C ARG C 181 16.78 12.27 -11.96
N LEU C 182 15.55 12.45 -11.47
CA LEU C 182 14.36 12.03 -12.23
C LEU C 182 14.01 13.04 -13.34
N TYR C 183 14.51 14.27 -13.20
CA TYR C 183 14.03 15.38 -14.05
C TYR C 183 14.29 15.08 -15.52
N LYS C 184 15.56 14.90 -15.89
CA LYS C 184 15.91 14.75 -17.32
C LYS C 184 15.31 13.49 -17.96
N PRO C 185 15.41 12.33 -17.27
CA PRO C 185 14.72 11.12 -17.74
C PRO C 185 13.23 11.31 -18.01
N LEU C 186 12.53 11.99 -17.12
CA LEU C 186 11.08 12.18 -17.28
C LEU C 186 10.83 13.18 -18.41
N LEU C 187 11.63 14.22 -18.44
CA LEU C 187 11.58 15.17 -19.52
C LEU C 187 11.68 14.44 -20.86
N LYS C 188 12.62 13.52 -20.97
CA LYS C 188 12.80 12.89 -22.26
C LYS C 188 11.78 11.77 -22.54
N LEU C 189 11.30 11.10 -21.49
CA LEU C 189 10.29 10.06 -21.69
C LEU C 189 8.94 10.61 -22.14
N THR C 190 8.48 11.69 -21.52
CA THR C 190 7.16 12.19 -21.83
C THR C 190 7.12 12.70 -23.28
N ASP C 191 5.99 12.44 -23.92
CA ASP C 191 5.78 12.87 -25.29
C ASP C 191 4.61 13.85 -25.31
N ASP C 192 4.95 15.14 -25.34
CA ASP C 192 3.95 16.21 -25.26
C ASP C 192 2.98 16.21 -26.43
N SER C 193 3.36 15.58 -27.55
CA SER C 193 2.54 15.54 -28.75
C SER C 193 1.56 14.35 -28.76
N SER C 194 1.71 13.46 -27.76
CA SER C 194 0.82 12.30 -27.60
C SER C 194 0.14 12.27 -26.23
N PRO C 195 -0.72 13.26 -25.92
CA PRO C 195 -1.29 13.40 -24.58
C PRO C 195 -2.13 12.22 -24.12
N GLU C 196 -2.75 11.51 -25.06
CA GLU C 196 -3.60 10.36 -24.70
C GLU C 196 -2.83 9.05 -24.66
N GLU C 197 -1.55 9.08 -25.02
CA GLU C 197 -0.75 7.86 -24.98
C GLU C 197 -0.16 7.68 -23.58
N PHE C 198 0.03 6.43 -23.19
CA PHE C 198 0.64 6.13 -21.90
C PHE C 198 2.09 6.58 -21.87
N LEU C 199 2.54 7.06 -20.71
CA LEU C 199 3.93 7.48 -20.50
C LEU C 199 4.87 6.31 -20.59
N PHE C 200 4.50 5.20 -19.93
CA PHE C 200 5.30 3.97 -20.00
C PHE C 200 4.79 3.08 -21.13
N ASN C 201 4.95 3.58 -22.37
CA ASN C 201 4.38 2.92 -23.53
C ASN C 201 5.15 1.64 -23.97
N LYS C 202 6.31 1.42 -23.37
CA LYS C 202 7.04 0.19 -23.62
C LYS C 202 6.93 -0.77 -22.44
N LEU C 203 6.04 -0.47 -21.50
CA LEU C 203 5.86 -1.37 -20.38
C LEU C 203 4.54 -2.14 -20.49
N SER C 204 4.35 -3.05 -19.53
CA SER C 204 3.25 -4.01 -19.51
C SER C 204 3.26 -4.55 -18.08
N GLU C 205 2.12 -5.03 -17.60
CA GLU C 205 2.10 -5.63 -16.26
C GLU C 205 3.15 -6.75 -16.15
N ARG C 206 3.24 -7.59 -17.18
CA ARG C 206 4.22 -8.68 -17.26
C ARG C 206 5.65 -8.17 -17.10
N LYS C 207 6.02 -7.15 -17.87
CA LYS C 207 7.39 -6.59 -17.76
C LYS C 207 7.72 -6.05 -16.37
N VAL C 208 6.77 -5.36 -15.74
CA VAL C 208 7.00 -4.78 -14.42
C VAL C 208 7.18 -5.92 -13.40
N TYR C 209 6.30 -6.92 -13.43
CA TYR C 209 6.39 -8.03 -12.51
C TYR C 209 7.71 -8.78 -12.69
N GLU C 210 8.10 -9.06 -13.94
CA GLU C 210 9.38 -9.74 -14.15
C GLU C 210 10.58 -8.88 -13.65
N SER C 211 10.50 -7.56 -13.79
CA SER C 211 11.60 -6.70 -13.36
C SER C 211 11.71 -6.56 -11.84
N ILE C 212 10.58 -6.33 -11.15
CA ILE C 212 10.60 -6.15 -9.71
C ILE C 212 11.05 -7.44 -9.02
N LYS C 213 10.76 -8.58 -9.66
CA LYS C 213 11.14 -9.89 -9.12
C LYS C 213 12.65 -9.96 -8.79
N GLN C 214 13.50 -9.26 -9.54
CA GLN C 214 14.95 -9.34 -9.26
C GLN C 214 15.31 -8.80 -7.86
N PHE C 215 14.43 -7.98 -7.29
CA PHE C 215 14.64 -7.42 -5.94
C PHE C 215 13.89 -8.15 -4.83
N GLY C 216 13.21 -9.23 -5.17
CA GLY C 216 12.58 -10.11 -4.19
C GLY C 216 11.40 -9.45 -3.50
N ILE C 217 10.79 -8.45 -4.16
CA ILE C 217 9.64 -7.71 -3.59
C ILE C 217 8.58 -7.48 -4.66
N ARG C 218 7.42 -6.95 -4.24
CA ARG C 218 6.41 -6.48 -5.16
C ARG C 218 6.44 -4.95 -5.26
N ILE C 219 5.88 -4.43 -6.34
CA ILE C 219 5.72 -2.98 -6.49
C ILE C 219 5.00 -2.32 -5.29
N LYS C 220 3.91 -2.95 -4.84
CA LYS C 220 3.19 -2.41 -3.69
C LYS C 220 4.06 -2.28 -2.43
N ASP C 221 5.14 -3.09 -2.34
CA ASP C 221 6.07 -3.04 -1.21
C ASP C 221 6.87 -1.75 -1.21
N LEU C 222 7.14 -1.22 -2.40
CA LEU C 222 7.76 0.10 -2.55
C LEU C 222 6.86 1.19 -1.96
N ARG C 223 5.54 1.08 -2.17
CA ARG C 223 4.59 2.06 -1.61
C ARG C 223 4.55 1.94 -0.09
N THR C 224 4.41 0.71 0.41
CA THR C 224 4.47 0.40 1.85
C THR C 224 5.68 1.07 2.49
N TYR C 225 6.84 0.93 1.84
CA TYR C 225 8.06 1.56 2.31
C TYR C 225 8.04 3.08 2.26
N GLY C 226 7.64 3.66 1.13
CA GLY C 226 7.66 5.11 0.97
C GLY C 226 6.66 5.75 1.93
N VAL C 227 5.51 5.13 2.11
CA VAL C 227 4.46 5.76 2.94
C VAL C 227 4.91 5.74 4.40
N ASN C 228 5.46 4.63 4.84
CA ASN C 228 5.94 4.53 6.21
C ASN C 228 7.22 5.28 6.49
N TYR C 229 8.03 5.44 5.47
CA TYR C 229 9.18 6.31 5.54
C TYR C 229 8.74 7.72 5.85
N THR C 230 7.73 8.18 5.12
CA THR C 230 7.14 9.53 5.26
C THR C 230 6.51 9.68 6.64
N PHE C 231 5.81 8.65 7.08
CA PHE C 231 5.36 8.56 8.45
C PHE C 231 6.47 8.79 9.50
N LEU C 232 7.53 7.99 9.39
CA LEU C 232 8.64 8.08 10.33
C LEU C 232 9.39 9.41 10.21
N TYR C 233 9.53 9.93 8.99
CA TYR C 233 10.14 11.25 8.80
C TYR C 233 9.33 12.39 9.45
N ASN C 234 8.01 12.28 9.38
CA ASN C 234 7.14 13.21 10.08
C ASN C 234 7.25 13.10 11.60
N PHE C 235 7.34 11.86 12.08
CA PHE C 235 7.43 11.63 13.53
C PHE C 235 8.71 12.25 14.04
N TRP C 236 9.80 12.01 13.28
CA TRP C 236 11.16 12.52 13.60
C TRP C 236 11.19 14.05 13.57
N THR C 237 10.72 14.64 12.48
CA THR C 237 10.59 16.11 12.40
C THR C 237 9.86 16.67 13.64
N ASN C 238 8.75 16.03 14.02
CA ASN C 238 7.91 16.49 15.13
C ASN C 238 8.62 16.48 16.48
N VAL C 239 9.29 15.37 16.78
CA VAL C 239 10.04 15.26 18.03
C VAL C 239 11.21 16.26 18.07
N LYS C 240 11.74 16.57 16.90
CA LYS C 240 12.89 17.45 16.75
C LYS C 240 12.53 18.95 16.74
N SER C 241 11.32 19.28 16.27
CA SER C 241 11.00 20.68 15.98
C SER C 241 9.85 21.31 16.76
N ILE C 242 8.98 20.49 17.34
CA ILE C 242 7.84 21.01 18.12
C ILE C 242 8.32 21.62 19.42
N SER C 243 7.85 22.85 19.68
CA SER C 243 8.33 23.72 20.74
C SER C 243 8.03 23.19 22.17
N PRO C 244 6.74 23.10 22.55
CA PRO C 244 6.49 22.24 23.70
C PRO C 244 6.08 20.84 23.21
N LEU C 245 6.98 19.87 23.38
CA LEU C 245 6.77 18.48 22.98
C LEU C 245 5.42 17.93 23.50
N PRO C 246 4.55 17.46 22.58
CA PRO C 246 3.18 17.05 22.92
C PRO C 246 3.12 15.68 23.58
N SER C 247 1.98 15.35 24.18
CA SER C 247 1.76 14.02 24.75
C SER C 247 1.95 12.92 23.70
N PRO C 248 2.22 11.68 24.15
CA PRO C 248 2.49 10.53 23.25
C PRO C 248 1.49 10.39 22.11
N LYS C 249 0.20 10.35 22.45
CA LYS C 249 -0.79 10.08 21.41
C LYS C 249 -1.18 11.32 20.60
N LYS C 250 -1.12 12.50 21.21
CA LYS C 250 -1.21 13.75 20.43
C LYS C 250 -0.10 13.84 19.39
N LEU C 251 1.06 13.31 19.74
CA LEU C 251 2.22 13.28 18.85
C LEU C 251 1.99 12.33 17.69
N ILE C 252 1.49 11.13 17.97
CA ILE C 252 1.17 10.16 16.93
C ILE C 252 -0.02 10.66 16.08
N ALA C 253 -1.07 11.16 16.72
CA ALA C 253 -2.23 11.66 15.99
C ALA C 253 -1.83 12.76 15.02
N LEU C 254 -1.06 13.72 15.48
CA LEU C 254 -0.48 14.75 14.62
C LEU C 254 0.32 14.15 13.45
N THR C 255 1.14 13.14 13.73
CA THR C 255 2.01 12.52 12.73
C THR C 255 1.19 11.72 11.69
N ILE C 256 0.14 11.05 12.14
CA ILE C 256 -0.79 10.37 11.24
C ILE C 256 -1.46 11.41 10.34
N LYS C 257 -1.90 12.52 10.92
CA LYS C 257 -2.60 13.55 10.14
C LYS C 257 -1.74 14.19 9.03
N GLN C 258 -0.47 14.47 9.36
CA GLN C 258 0.47 15.08 8.41
C GLN C 258 0.76 14.15 7.27
N THR C 259 0.90 12.86 7.58
CA THR C 259 1.13 11.81 6.56
C THR C 259 -0.09 11.63 5.69
N ALA C 260 -1.25 11.45 6.32
CA ALA C 260 -2.52 11.30 5.62
C ALA C 260 -2.77 12.45 4.65
N GLU C 261 -2.48 13.66 5.09
CA GLU C 261 -2.66 14.81 4.23
C GLU C 261 -1.86 14.69 2.94
N VAL C 262 -0.58 14.35 3.03
CA VAL C 262 0.28 14.25 1.85
C VAL C 262 0.07 13.00 1.00
N VAL C 263 -0.22 11.86 1.64
CA VAL C 263 -0.45 10.63 0.91
C VAL C 263 -1.84 10.62 0.25
N GLY C 264 -2.79 11.27 0.90
CA GLY C 264 -4.15 11.36 0.38
C GLY C 264 -5.07 10.34 1.00
N HIS C 265 -4.86 10.04 2.27
CA HIS C 265 -5.76 9.19 3.03
C HIS C 265 -6.78 10.06 3.78
N THR C 266 -8.02 9.58 3.91
CA THR C 266 -9.05 10.28 4.69
C THR C 266 -8.68 10.24 6.18
N PRO C 267 -9.17 11.22 6.97
CA PRO C 267 -8.81 11.28 8.38
C PRO C 267 -9.24 10.05 9.16
N SER C 268 -10.18 9.30 8.61
CA SER C 268 -10.67 8.08 9.22
C SER C 268 -9.72 6.92 8.91
N ILE C 269 -9.52 6.60 7.64
CA ILE C 269 -8.62 5.53 7.20
C ILE C 269 -7.15 5.72 7.64
N SER C 270 -6.73 6.98 7.79
CA SER C 270 -5.32 7.28 8.08
C SER C 270 -4.94 6.75 9.45
N LYS C 271 -5.90 6.81 10.39
CA LYS C 271 -5.77 6.27 11.74
C LYS C 271 -4.96 5.00 11.87
N ARG C 272 -5.27 3.99 11.05
CA ARG C 272 -4.56 2.72 11.14
C ARG C 272 -3.70 2.41 9.93
N ALA C 273 -3.54 3.38 9.03
CA ALA C 273 -2.88 3.16 7.75
C ALA C 273 -1.36 2.96 7.81
N TYR C 274 -0.71 3.49 8.87
CA TYR C 274 0.77 3.49 8.95
C TYR C 274 1.27 2.77 10.18
N MET C 275 2.60 2.74 10.31
CA MET C 275 3.34 2.06 11.39
C MET C 275 3.26 2.76 12.75
N ALA C 276 2.06 3.21 13.13
CA ALA C 276 1.83 3.80 14.44
C ALA C 276 1.93 2.78 15.59
N THR C 277 1.62 1.51 15.32
CA THR C 277 1.74 0.46 16.32
C THR C 277 3.19 0.23 16.73
N THR C 278 4.11 0.39 15.77
CA THR C 278 5.54 0.29 16.07
C THR C 278 5.98 1.41 17.01
N ILE C 279 5.61 2.64 16.70
CA ILE C 279 5.97 3.77 17.56
C ILE C 279 5.42 3.57 18.97
N LEU C 280 4.28 2.87 19.07
CA LEU C 280 3.65 2.57 20.36
C LEU C 280 4.47 1.65 21.26
N GLU C 281 5.04 0.61 20.68
CA GLU C 281 5.95 -0.28 21.41
C GLU C 281 7.23 0.46 21.83
N MET C 282 7.74 1.32 20.95
CA MET C 282 9.00 2.01 21.19
C MET C 282 8.94 3.10 22.27
N VAL C 283 7.82 3.83 22.34
CA VAL C 283 7.65 4.87 23.37
C VAL C 283 7.40 4.25 24.75
N LYS C 284 7.37 2.92 24.78
CA LYS C 284 7.10 2.16 26.01
C LYS C 284 8.24 2.25 27.05
N ASP C 285 9.42 2.70 26.60
CA ASP C 285 10.50 3.01 27.53
C ASP C 285 10.87 4.50 27.47
N LYS C 286 11.26 5.02 28.63
CA LYS C 286 11.43 6.46 28.84
C LYS C 286 12.53 7.11 28.02
N ASN C 287 13.57 6.36 27.67
CA ASN C 287 14.70 6.95 26.96
C ASN C 287 14.43 7.30 25.49
N PHE C 288 13.44 6.64 24.90
CA PHE C 288 13.18 6.67 23.45
C PHE C 288 13.13 8.07 22.82
N LEU C 289 12.21 8.90 23.30
CA LEU C 289 11.99 10.23 22.75
C LEU C 289 13.24 11.13 22.91
N ASP C 290 13.96 10.92 24.01
CA ASP C 290 15.26 11.56 24.23
C ASP C 290 16.21 11.16 23.11
N VAL C 291 16.33 9.84 22.91
CA VAL C 291 17.21 9.26 21.90
C VAL C 291 16.85 9.82 20.52
N VAL C 292 15.57 9.77 20.16
CA VAL C 292 15.11 10.25 18.86
C VAL C 292 15.49 11.72 18.61
N SER C 293 15.31 12.54 19.64
CA SER C 293 15.64 13.96 19.57
C SER C 293 17.12 14.20 19.26
N LYS C 294 17.96 13.26 19.67
CA LYS C 294 19.39 13.35 19.46
C LYS C 294 19.92 12.58 18.25
N THR C 295 19.02 12.04 17.43
CA THR C 295 19.39 11.24 16.26
C THR C 295 19.29 12.05 14.97
N THR C 296 20.09 11.68 13.97
CA THR C 296 19.77 12.00 12.59
C THR C 296 18.67 11.06 12.13
N PHE C 297 18.02 11.37 11.00
CA PHE C 297 16.86 10.60 10.55
C PHE C 297 17.34 9.21 10.16
N ASP C 298 18.51 9.16 9.52
CA ASP C 298 19.10 7.89 9.13
C ASP C 298 19.32 6.97 10.32
N GLU C 299 19.83 7.49 11.43
CA GLU C 299 19.99 6.65 12.62
C GLU C 299 18.66 6.34 13.33
N PHE C 300 17.69 7.26 13.24
CA PHE C 300 16.35 6.97 13.71
C PHE C 300 15.77 5.82 12.91
N LEU C 301 15.81 5.93 11.60
CA LEU C 301 15.35 4.88 10.70
C LEU C 301 15.97 3.51 11.02
N SER C 302 17.28 3.49 11.28
N SER C 302 17.28 3.51 11.29
CA SER C 302 17.96 2.24 11.67
CA SER C 302 18.02 2.31 11.68
C SER C 302 17.53 1.70 13.04
C SER C 302 17.55 1.71 13.02
N ILE C 303 17.22 2.59 13.98
CA ILE C 303 16.65 2.19 15.28
C ILE C 303 15.27 1.54 15.10
N VAL C 304 14.41 2.17 14.30
CA VAL C 304 13.07 1.63 14.01
C VAL C 304 13.16 0.28 13.32
N VAL C 305 13.95 0.20 12.25
CA VAL C 305 14.24 -1.07 11.58
C VAL C 305 14.72 -2.17 12.53
N ASP C 306 15.68 -1.84 13.40
CA ASP C 306 16.21 -2.79 14.40
C ASP C 306 15.12 -3.29 15.37
N HIS C 307 14.25 -2.37 15.79
CA HIS C 307 13.10 -2.72 16.60
C HIS C 307 12.20 -3.76 15.92
N VAL C 308 11.87 -3.52 14.65
CA VAL C 308 10.99 -4.44 13.89
C VAL C 308 11.62 -5.83 13.75
N LYS C 309 12.91 -5.86 13.44
CA LYS C 309 13.64 -7.11 13.23
C LYS C 309 13.65 -7.94 14.51
N SER C 310 13.84 -7.26 15.63
CA SER C 310 13.97 -7.92 16.92
C SER C 310 12.64 -8.04 17.67
N SER C 311 11.60 -7.40 17.13
CA SER C 311 10.25 -7.54 17.69
C SER C 311 9.87 -9.01 17.58
N THR C 312 9.59 -9.44 16.35
CA THR C 312 9.60 -10.85 15.95
C THR C 312 9.92 -10.88 14.45
#